data_1UVS
#
_entry.id   1UVS
#
_cell.length_a   81.684
_cell.length_b   81.684
_cell.length_c   186.400
_cell.angle_alpha   90.00
_cell.angle_beta   90.00
_cell.angle_gamma   120.00
#
_symmetry.space_group_name_H-M   'P 61 2 2'
#
loop_
_entity.id
_entity.type
_entity.pdbx_description
1 polymer THROMBIN
2 polymer THROMBIN
3 non-polymer [[CYCLOHEXANESULFONYL-GLYCYL]-3[PYRIDIN-4-YL-AMINOMETHYL]ALANYL]PIPERIDINE
4 water water
#
loop_
_entity_poly.entity_id
_entity_poly.type
_entity_poly.pdbx_seq_one_letter_code
_entity_poly.pdbx_strand_id
1 'polypeptide(L)' TFGSGEADCGLRPLFEKKSLEDKTERELLESYIDGR L
2 'polypeptide(L)'
;IVEGSDAEIGMSPWQVMLFRKSPQELLCGASLISDRWVLTAAHCLLYPPWDKNFTENDLLVRIGKHSRTRYERNIEKISM
LEKIYIHPRYNWRENLDRDIALMKLKKPVAFSDYIHPVCLPDRETAASLLQAGYKGRVTGWGNLKETWTANVGKGQPSVL
QVVNLPIVERPVCKDSTRIRITDNMFCAGYKPDEGKRGDACEGDSGGPFVMKSPFNNRWYQMGIVSWGEGCDRDGKYGFY
THVFRLKKWIQKVIDQFGE
;
H
#
loop_
_chem_comp.id
_chem_comp.type
_chem_comp.name
_chem_comp.formula
I11 non-polymer [[CYCLOHEXANESULFONYL-GLYCYL]-3[PYRIDIN-4-YL-AMINOMETHYL]ALANYL]PIPERIDINE 'C22 H36 N5 O4 S 1'
#
# COMPACT_ATOMS: atom_id res chain seq x y z
N ALA A 7 -0.53 -5.29 20.64
CA ALA A 7 -0.11 -4.01 20.08
C ALA A 7 1.18 -4.14 19.29
N ASP A 8 1.56 -5.37 18.98
CA ASP A 8 2.77 -5.63 18.22
C ASP A 8 2.56 -5.48 16.71
N CYS A 9 2.32 -4.26 16.26
CA CYS A 9 2.12 -4.01 14.84
C CYS A 9 3.50 -3.83 14.21
N GLY A 10 3.57 -3.94 12.90
CA GLY A 10 4.84 -3.77 12.18
C GLY A 10 5.91 -4.81 12.41
N LEU A 11 5.88 -5.51 13.54
CA LEU A 11 6.87 -6.53 13.86
C LEU A 11 6.55 -7.86 13.18
N ARG A 12 7.18 -8.09 12.03
CA ARG A 12 6.99 -9.32 11.26
C ARG A 12 7.52 -10.54 12.00
N PRO A 13 6.67 -11.55 12.22
CA PRO A 13 7.04 -12.78 12.92
C PRO A 13 8.24 -13.48 12.28
N LEU A 14 8.14 -13.78 10.99
CA LEU A 14 9.20 -14.45 10.26
C LEU A 14 10.50 -13.65 10.15
N PHE A 15 10.47 -12.39 10.56
CA PHE A 15 11.66 -11.57 10.49
C PHE A 15 12.03 -10.89 11.81
N GLU A 16 11.47 -9.73 12.11
CA GLU A 16 11.77 -9.01 13.34
C GLU A 16 11.69 -9.91 14.57
N LYS A 17 10.56 -10.57 14.74
CA LYS A 17 10.36 -11.46 15.88
C LYS A 17 11.44 -12.54 15.99
N LYS A 18 12.02 -12.92 14.85
CA LYS A 18 13.05 -13.94 14.82
C LYS A 18 14.46 -13.39 14.61
N SER A 19 14.60 -12.08 14.82
CA SER A 19 15.88 -11.39 14.66
C SER A 19 16.48 -11.60 13.26
N LEU A 20 15.61 -11.60 12.26
CA LEU A 20 16.03 -11.79 10.87
C LEU A 20 15.60 -10.58 10.05
N GLU A 21 16.26 -10.38 8.92
CA GLU A 21 15.96 -9.25 8.04
C GLU A 21 15.92 -9.68 6.59
N ASP A 22 15.03 -9.07 5.82
CA ASP A 22 14.88 -9.39 4.40
C ASP A 22 15.99 -8.75 3.58
N LYS A 23 16.23 -9.29 2.39
CA LYS A 23 17.28 -8.83 1.49
C LYS A 23 17.37 -7.32 1.24
N THR A 24 16.27 -6.70 0.81
CA THR A 24 16.26 -5.28 0.50
C THR A 24 15.99 -4.34 1.67
N GLU A 25 15.87 -4.88 2.87
CA GLU A 25 15.59 -4.08 4.06
C GLU A 25 16.62 -3.01 4.35
N ARG A 26 17.90 -3.38 4.29
CA ARG A 26 19.00 -2.47 4.56
C ARG A 26 18.96 -1.18 3.74
N GLU A 27 18.52 -1.29 2.49
CA GLU A 27 18.43 -0.14 1.60
C GLU A 27 17.66 1.02 2.24
N LEU A 28 16.48 0.70 2.74
CA LEU A 28 15.61 1.68 3.38
C LEU A 28 16.31 2.38 4.54
N LEU A 29 16.88 1.59 5.44
CA LEU A 29 17.58 2.13 6.59
C LEU A 29 18.74 3.04 6.19
N GLU A 30 19.50 2.62 5.19
CA GLU A 30 20.63 3.44 4.72
C GLU A 30 20.15 4.78 4.19
N SER A 31 18.94 4.80 3.63
CA SER A 31 18.35 6.02 3.09
C SER A 31 18.01 7.00 4.20
N TYR A 32 17.85 6.49 5.41
CA TYR A 32 17.51 7.33 6.56
C TYR A 32 18.73 8.09 7.08
N ILE A 33 19.91 7.50 6.88
CA ILE A 33 21.16 8.12 7.31
C ILE A 33 21.11 8.49 8.80
N ILE B 1 3.91 -4.60 -10.61
CA ILE B 1 4.95 -3.60 -10.24
C ILE B 1 6.05 -3.68 -11.28
N VAL B 2 6.50 -2.52 -11.74
CA VAL B 2 7.56 -2.47 -12.75
C VAL B 2 8.91 -2.42 -12.05
N GLU B 3 9.86 -3.22 -12.56
CA GLU B 3 11.21 -3.29 -12.01
C GLU B 3 11.27 -3.73 -10.55
N GLY B 4 10.27 -4.49 -10.13
CA GLY B 4 10.23 -4.97 -8.76
C GLY B 4 10.87 -6.34 -8.67
N SER B 5 10.68 -7.02 -7.54
CA SER B 5 11.26 -8.33 -7.35
C SER B 5 10.33 -9.19 -6.49
N ASP B 6 10.59 -10.49 -6.47
CA ASP B 6 9.78 -11.44 -5.70
C ASP B 6 9.89 -11.22 -4.21
N ALA B 7 8.75 -11.16 -3.55
CA ALA B 7 8.69 -10.98 -2.11
C ALA B 7 9.01 -12.31 -1.44
N GLU B 8 9.70 -12.26 -0.31
CA GLU B 8 10.02 -13.48 0.42
C GLU B 8 8.79 -13.89 1.21
N ILE B 9 8.73 -15.16 1.60
CA ILE B 9 7.60 -15.67 2.36
C ILE B 9 7.48 -14.95 3.70
N GLY B 10 6.35 -14.27 3.91
CA GLY B 10 6.12 -13.56 5.15
C GLY B 10 6.79 -12.20 5.22
N MET B 11 7.14 -11.64 4.07
CA MET B 11 7.80 -10.33 4.00
C MET B 11 6.81 -9.20 4.28
N SER B 12 5.56 -9.41 3.91
CA SER B 12 4.50 -8.42 4.13
C SER B 12 3.27 -9.15 4.65
N PRO B 13 3.24 -9.42 5.97
CA PRO B 13 2.13 -10.12 6.62
C PRO B 13 0.83 -9.32 6.61
N TRP B 14 0.95 -8.01 6.41
CA TRP B 14 -0.20 -7.12 6.36
C TRP B 14 -0.80 -7.01 4.97
N GLN B 15 -0.15 -7.62 3.99
CA GLN B 15 -0.60 -7.58 2.61
C GLN B 15 -1.95 -8.29 2.47
N VAL B 16 -2.93 -7.57 1.93
CA VAL B 16 -4.26 -8.12 1.72
C VAL B 16 -4.66 -7.83 0.28
N MET B 17 -5.38 -8.77 -0.35
CA MET B 17 -5.82 -8.57 -1.73
C MET B 17 -7.34 -8.50 -1.78
N LEU B 18 -7.87 -7.50 -2.47
CA LEU B 18 -9.31 -7.30 -2.57
C LEU B 18 -9.87 -8.01 -3.80
N PHE B 19 -10.93 -8.80 -3.60
CA PHE B 19 -11.57 -9.55 -4.66
C PHE B 19 -13.04 -9.17 -4.78
N ARG B 20 -13.59 -9.36 -5.98
CA ARG B 20 -15.00 -9.10 -6.24
C ARG B 20 -15.66 -10.48 -6.31
N LYS B 21 -16.83 -10.63 -5.69
CA LYS B 21 -17.54 -11.91 -5.68
C LYS B 21 -17.80 -12.48 -7.07
N SER B 22 -18.56 -11.75 -7.88
CA SER B 22 -18.89 -12.20 -9.23
C SER B 22 -19.00 -11.06 -10.23
N PRO B 23 -18.20 -11.10 -11.31
CA PRO B 23 -17.20 -12.15 -11.58
C PRO B 23 -16.04 -12.08 -10.61
N GLN B 24 -15.64 -13.24 -10.07
CA GLN B 24 -14.54 -13.32 -9.12
C GLN B 24 -13.27 -12.78 -9.77
N GLU B 25 -12.90 -11.55 -9.41
CA GLU B 25 -11.70 -10.94 -9.98
C GLU B 25 -10.96 -10.08 -8.97
N LEU B 26 -9.64 -10.06 -9.10
CA LEU B 26 -8.78 -9.27 -8.22
C LEU B 26 -8.96 -7.80 -8.61
N LEU B 27 -9.35 -6.98 -7.64
CA LEU B 27 -9.58 -5.56 -7.89
C LEU B 27 -8.43 -4.67 -7.45
N CYS B 28 -7.99 -4.83 -6.20
CA CYS B 28 -6.92 -4.01 -5.66
C CYS B 28 -6.13 -4.72 -4.58
N GLY B 29 -5.22 -3.98 -3.96
CA GLY B 29 -4.42 -4.49 -2.87
C GLY B 29 -4.92 -3.74 -1.65
N ALA B 30 -4.40 -4.11 -0.48
CA ALA B 30 -4.82 -3.46 0.76
C ALA B 30 -3.89 -3.90 1.87
N SER B 31 -4.03 -3.26 3.04
CA SER B 31 -3.21 -3.59 4.18
C SER B 31 -4.04 -3.91 5.41
N LEU B 32 -3.52 -4.81 6.24
CA LEU B 32 -4.18 -5.21 7.46
C LEU B 32 -3.63 -4.30 8.56
N ILE B 33 -4.45 -3.37 9.04
CA ILE B 33 -4.00 -2.47 10.10
C ILE B 33 -4.38 -2.97 11.48
N SER B 34 -5.27 -3.96 11.53
CA SER B 34 -5.72 -4.57 12.77
C SER B 34 -6.41 -5.89 12.44
N ASP B 35 -6.84 -6.62 13.46
CA ASP B 35 -7.49 -7.91 13.26
C ASP B 35 -8.89 -7.83 12.64
N ARG B 36 -9.41 -6.63 12.45
CA ARG B 36 -10.75 -6.47 11.90
C ARG B 36 -10.90 -5.31 10.91
N TRP B 37 -9.80 -4.61 10.64
CA TRP B 37 -9.85 -3.49 9.72
C TRP B 37 -8.80 -3.56 8.62
N VAL B 38 -9.23 -3.25 7.40
CA VAL B 38 -8.36 -3.27 6.23
C VAL B 38 -8.38 -1.88 5.59
N LEU B 39 -7.22 -1.40 5.18
CA LEU B 39 -7.09 -0.08 4.56
C LEU B 39 -6.82 -0.23 3.06
N THR B 40 -7.56 0.53 2.24
CA THR B 40 -7.40 0.47 0.79
C THR B 40 -7.64 1.84 0.15
N ALA B 41 -7.48 1.91 -1.17
CA ALA B 41 -7.68 3.14 -1.91
C ALA B 41 -9.17 3.32 -2.23
N ALA B 42 -9.64 4.56 -2.13
CA ALA B 42 -11.05 4.86 -2.40
C ALA B 42 -11.54 4.44 -3.80
N HIS B 43 -10.74 4.76 -4.82
CA HIS B 43 -11.12 4.44 -6.20
C HIS B 43 -11.29 2.95 -6.49
N CYS B 44 -10.91 2.11 -5.53
CA CYS B 44 -11.05 0.66 -5.69
C CYS B 44 -12.51 0.25 -5.51
N LEU B 45 -13.25 1.07 -4.75
CA LEU B 45 -14.65 0.78 -4.48
C LEU B 45 -15.56 1.78 -5.18
N LEU B 46 -15.18 3.04 -5.16
CA LEU B 46 -15.98 4.08 -5.77
C LEU B 46 -15.23 4.94 -6.78
N TYR B 47 -15.81 5.02 -7.98
CA TYR B 47 -15.27 5.81 -9.07
C TYR B 47 -16.39 5.92 -10.11
N PRO B 48 -17.28 6.92 -9.95
CA PRO B 48 -18.43 7.22 -10.80
C PRO B 48 -18.23 7.22 -12.32
N PRO B 49 -17.18 7.88 -12.83
CA PRO B 49 -16.99 7.88 -14.29
C PRO B 49 -16.85 6.49 -14.91
N TRP B 50 -16.56 5.49 -14.08
CA TRP B 50 -16.42 4.12 -14.53
C TRP B 50 -17.56 3.29 -13.92
N ASP B 51 -18.69 3.93 -13.64
CA ASP B 51 -19.85 3.28 -13.02
C ASP B 51 -19.43 2.30 -11.91
N LYS B 52 -18.33 2.65 -11.25
CA LYS B 52 -17.75 1.84 -10.19
C LYS B 52 -18.30 2.25 -8.82
N ASN B 53 -19.06 1.36 -8.21
CA ASN B 53 -19.65 1.60 -6.89
C ASN B 53 -19.89 0.25 -6.23
N PHE B 54 -18.86 -0.26 -5.55
CA PHE B 54 -18.96 -1.54 -4.87
C PHE B 54 -19.26 -1.34 -3.39
N THR B 55 -19.91 -2.33 -2.79
CA THR B 55 -20.25 -2.28 -1.38
C THR B 55 -19.78 -3.56 -0.70
N GLU B 56 -19.84 -3.59 0.63
CA GLU B 56 -19.41 -4.75 1.40
C GLU B 56 -19.95 -6.10 0.93
N ASN B 57 -21.12 -6.10 0.29
CA ASN B 57 -21.71 -7.35 -0.18
C ASN B 57 -21.37 -7.73 -1.61
N ASP B 58 -20.45 -6.99 -2.23
CA ASP B 58 -20.03 -7.27 -3.60
C ASP B 58 -18.55 -7.65 -3.61
N LEU B 59 -17.92 -7.61 -2.45
CA LEU B 59 -16.50 -7.89 -2.33
C LEU B 59 -16.19 -8.91 -1.24
N LEU B 60 -14.90 -9.27 -1.15
CA LEU B 60 -14.39 -10.20 -0.16
C LEU B 60 -12.87 -10.04 -0.16
N VAL B 61 -12.22 -10.34 0.95
CA VAL B 61 -10.76 -10.21 1.04
C VAL B 61 -10.08 -11.54 1.30
N ARG B 62 -8.79 -11.59 0.96
CA ARG B 62 -7.99 -12.79 1.14
C ARG B 62 -6.64 -12.33 1.73
N ILE B 63 -6.33 -12.81 2.93
CA ILE B 63 -5.11 -12.44 3.62
C ILE B 63 -4.09 -13.58 3.71
N GLY B 64 -2.81 -13.20 3.83
CA GLY B 64 -1.74 -14.18 3.94
C GLY B 64 -1.44 -14.96 2.68
N LYS B 65 -1.43 -14.28 1.53
CA LYS B 65 -1.15 -14.94 0.27
C LYS B 65 0.19 -14.52 -0.32
N HIS B 66 0.90 -15.48 -0.90
CA HIS B 66 2.19 -15.24 -1.52
C HIS B 66 2.08 -15.33 -3.04
N SER B 67 1.36 -16.36 -3.50
CA SER B 67 1.16 -16.60 -4.91
C SER B 67 -0.32 -16.49 -5.22
N ARG B 68 -0.65 -16.11 -6.46
CA ARG B 68 -2.05 -16.00 -6.87
C ARG B 68 -2.54 -17.35 -7.37
N ARG B 70 -2.16 -20.39 -6.84
CA ARG B 70 -1.76 -21.46 -5.91
C ARG B 70 -2.49 -21.27 -4.58
N TYR B 71 -3.33 -22.22 -4.22
CA TYR B 71 -4.06 -22.14 -2.96
C TYR B 71 -3.12 -22.44 -1.81
N GLU B 72 -2.67 -21.40 -1.12
CA GLU B 72 -1.77 -21.55 0.02
C GLU B 72 -2.55 -22.22 1.15
N ARG B 73 -2.63 -23.55 1.08
CA ARG B 73 -3.35 -24.36 2.04
C ARG B 73 -2.85 -24.17 3.49
N ASN B 74 -3.79 -24.07 4.42
CA ASN B 74 -3.49 -23.90 5.85
C ASN B 74 -2.73 -22.61 6.17
N ILE B 75 -2.76 -21.63 5.26
CA ILE B 75 -2.05 -20.38 5.49
C ILE B 75 -2.93 -19.15 5.24
N GLU B 76 -3.46 -19.04 4.02
CA GLU B 76 -4.31 -17.92 3.65
C GLU B 76 -5.67 -17.96 4.34
N LYS B 77 -6.31 -16.81 4.45
CA LYS B 77 -7.63 -16.70 5.07
C LYS B 77 -8.56 -15.79 4.29
N ILE B 78 -9.83 -16.21 4.20
CA ILE B 78 -10.86 -15.46 3.47
C ILE B 78 -11.70 -14.71 4.50
N SER B 79 -12.41 -13.68 4.06
CA SER B 79 -13.27 -12.90 4.95
C SER B 79 -14.23 -12.02 4.18
N MET B 80 -15.42 -11.82 4.75
CA MET B 80 -16.45 -10.97 4.15
C MET B 80 -16.41 -9.64 4.88
N LEU B 81 -16.88 -8.59 4.21
CA LEU B 81 -16.88 -7.25 4.80
C LEU B 81 -18.21 -6.93 5.48
N GLU B 82 -18.12 -6.31 6.64
CA GLU B 82 -19.32 -5.93 7.39
C GLU B 82 -19.79 -4.55 6.93
N LYS B 83 -18.84 -3.65 6.68
CA LYS B 83 -19.16 -2.29 6.27
C LYS B 83 -17.94 -1.68 5.58
N ILE B 84 -18.17 -0.66 4.75
CA ILE B 84 -17.10 0.03 4.05
C ILE B 84 -17.21 1.51 4.36
N TYR B 85 -16.08 2.21 4.38
CA TYR B 85 -16.08 3.63 4.68
C TYR B 85 -15.13 4.40 3.77
N ILE B 86 -15.71 5.21 2.89
CA ILE B 86 -14.93 6.03 1.98
C ILE B 86 -14.87 7.40 2.62
N HIS B 87 -13.79 8.14 2.42
CA HIS B 87 -13.67 9.46 3.02
C HIS B 87 -14.73 10.41 2.45
N PRO B 88 -15.48 11.10 3.33
CA PRO B 88 -16.53 12.04 2.96
C PRO B 88 -16.14 13.07 1.90
N ARG B 89 -14.88 13.50 1.94
CA ARG B 89 -14.37 14.48 0.98
C ARG B 89 -13.46 13.89 -0.09
N TYR B 90 -13.78 12.67 -0.53
CA TYR B 90 -13.00 11.99 -1.56
C TYR B 90 -13.23 12.66 -2.91
N ASN B 91 -12.22 13.40 -3.37
CA ASN B 91 -12.31 14.10 -4.64
C ASN B 91 -11.98 13.20 -5.82
N TRP B 92 -12.96 12.38 -6.22
CA TRP B 92 -12.79 11.46 -7.35
C TRP B 92 -12.87 12.16 -8.70
N ARG B 93 -13.27 13.43 -8.70
CA ARG B 93 -13.41 14.18 -9.95
C ARG B 93 -12.23 15.02 -10.42
N ASN B 95 -8.68 15.11 -8.72
CA ASN B 95 -7.33 14.62 -8.47
C ASN B 95 -7.21 13.49 -7.45
N LEU B 96 -8.29 12.76 -7.22
CA LEU B 96 -8.30 11.66 -6.25
C LEU B 96 -7.77 12.11 -4.90
N ASP B 97 -8.17 13.32 -4.50
CA ASP B 97 -7.76 13.90 -3.23
C ASP B 97 -8.48 13.15 -2.12
N ARG B 98 -7.73 12.76 -1.10
CA ARG B 98 -8.27 12.04 0.05
C ARG B 98 -8.74 10.65 -0.37
N ASP B 99 -8.02 10.06 -1.31
CA ASP B 99 -8.30 8.73 -1.84
C ASP B 99 -7.95 7.69 -0.78
N ILE B 100 -8.88 7.42 0.13
CA ILE B 100 -8.66 6.46 1.21
C ILE B 100 -9.99 5.87 1.65
N ALA B 101 -9.96 4.62 2.10
CA ALA B 101 -11.17 3.95 2.56
C ALA B 101 -10.82 2.87 3.56
N LEU B 102 -11.79 2.53 4.41
CA LEU B 102 -11.61 1.50 5.43
C LEU B 102 -12.71 0.45 5.30
N MET B 103 -12.29 -0.81 5.27
CA MET B 103 -13.23 -1.92 5.16
C MET B 103 -13.18 -2.71 6.45
N LYS B 104 -14.34 -2.89 7.07
CA LYS B 104 -14.42 -3.65 8.30
C LYS B 104 -14.77 -5.08 7.97
N LEU B 105 -14.06 -6.03 8.58
CA LEU B 105 -14.31 -7.44 8.35
C LEU B 105 -15.44 -7.90 9.24
N LYS B 107 -15.73 -10.82 10.73
CA LYS B 107 -15.16 -11.51 11.88
C LYS B 107 -13.64 -11.35 11.86
N PRO B 108 -13.04 -11.15 13.04
CA PRO B 108 -11.58 -10.97 13.22
C PRO B 108 -10.76 -12.09 12.61
N VAL B 109 -9.67 -11.74 11.93
CA VAL B 109 -8.80 -12.73 11.33
C VAL B 109 -7.80 -13.23 12.37
N ALA B 110 -7.43 -14.49 12.26
CA ALA B 110 -6.48 -15.09 13.19
C ALA B 110 -5.07 -14.78 12.70
N PHE B 111 -4.31 -14.07 13.53
CA PHE B 111 -2.94 -13.71 13.18
C PHE B 111 -2.10 -14.97 13.02
N SER B 112 -1.00 -14.84 12.29
CA SER B 112 -0.11 -15.95 12.02
C SER B 112 1.25 -15.38 11.62
N ASP B 113 2.19 -16.26 11.26
CA ASP B 113 3.52 -15.83 10.82
C ASP B 113 3.38 -15.12 9.47
N TYR B 114 2.26 -15.38 8.79
CA TYR B 114 1.98 -14.79 7.48
C TYR B 114 0.92 -13.70 7.53
N ILE B 115 0.24 -13.55 8.67
CA ILE B 115 -0.81 -12.55 8.82
C ILE B 115 -0.47 -11.71 10.05
N HIS B 116 -0.11 -10.45 9.83
CA HIS B 116 0.26 -9.55 10.91
C HIS B 116 -0.02 -8.11 10.46
N PRO B 117 -0.60 -7.28 11.35
CA PRO B 117 -0.92 -5.88 11.06
C PRO B 117 0.26 -4.91 11.02
N VAL B 118 0.13 -3.90 10.17
CA VAL B 118 1.15 -2.87 10.01
C VAL B 118 0.82 -1.71 10.94
N CYS B 119 1.82 -0.91 11.30
CA CYS B 119 1.61 0.22 12.19
C CYS B 119 1.21 1.49 11.46
N LEU B 120 0.31 2.27 12.07
CA LEU B 120 -0.11 3.54 11.49
C LEU B 120 0.80 4.61 12.08
N PRO B 121 1.32 5.53 11.24
CA PRO B 121 2.22 6.63 11.60
C PRO B 121 1.76 7.54 12.73
N ASP B 122 2.73 8.03 13.49
CA ASP B 122 2.48 8.96 14.59
C ASP B 122 3.35 10.16 14.28
N ARG B 123 3.09 11.28 14.95
CA ARG B 123 3.85 12.52 14.75
C ARG B 123 5.35 12.31 14.55
N THR B 125 7.19 9.68 13.97
CA THR B 125 7.50 8.87 12.81
C THR B 125 7.31 9.59 11.49
N ALA B 126 6.12 10.14 11.27
CA ALA B 126 5.82 10.85 10.02
C ALA B 126 6.82 11.96 9.77
N ALA B 127 7.00 12.82 10.77
CA ALA B 127 7.91 13.96 10.69
C ALA B 127 9.35 13.55 10.41
N SER B 128 9.74 12.37 10.88
CA SER B 128 11.11 11.91 10.68
C SER B 128 11.32 11.17 9.37
N LEU B 129 10.45 10.20 9.07
CA LEU B 129 10.56 9.38 7.87
C LEU B 129 10.13 10.01 6.55
N LEU B 130 9.28 11.02 6.59
CA LEU B 130 8.84 11.67 5.36
C LEU B 130 9.79 12.77 4.90
N GLN B 131 10.86 12.35 4.21
CA GLN B 131 11.85 13.28 3.69
C GLN B 131 12.33 12.81 2.32
N ALA B 132 12.45 13.75 1.39
CA ALA B 132 12.90 13.42 0.03
C ALA B 132 14.22 12.67 0.07
N GLY B 133 14.27 11.51 -0.58
CA GLY B 133 15.48 10.71 -0.59
C GLY B 133 15.27 9.44 0.19
N TYR B 134 14.49 9.51 1.26
CA TYR B 134 14.20 8.35 2.10
C TYR B 134 13.39 7.36 1.27
N LYS B 135 13.76 6.09 1.35
CA LYS B 135 13.08 5.05 0.60
C LYS B 135 11.96 4.36 1.37
N GLY B 136 10.96 3.90 0.64
CA GLY B 136 9.84 3.19 1.21
C GLY B 136 9.66 1.93 0.37
N ARG B 137 8.77 1.04 0.78
CA ARG B 137 8.55 -0.20 0.04
C ARG B 137 7.12 -0.33 -0.45
N VAL B 138 6.98 -0.70 -1.72
CA VAL B 138 5.67 -0.88 -2.34
C VAL B 138 5.53 -2.38 -2.66
N THR B 139 4.32 -2.90 -2.49
CA THR B 139 4.04 -4.30 -2.75
C THR B 139 2.72 -4.45 -3.52
N GLY B 140 2.65 -5.46 -4.37
CA GLY B 140 1.44 -5.69 -5.12
C GLY B 140 1.55 -6.77 -6.17
N TRP B 141 0.42 -7.26 -6.63
CA TRP B 141 0.35 -8.28 -7.67
C TRP B 141 -0.13 -7.61 -8.94
N GLY B 142 0.20 -6.33 -9.09
CA GLY B 142 -0.20 -5.57 -10.26
C GLY B 142 0.67 -5.79 -11.47
N ASN B 143 0.24 -5.23 -12.61
CA ASN B 143 0.94 -5.34 -13.88
C ASN B 143 2.45 -5.16 -13.77
N LEU B 144 3.19 -6.09 -14.39
CA LEU B 144 4.65 -6.03 -14.37
C LEU B 144 5.14 -4.91 -15.28
N LYS B 145 4.37 -4.65 -16.34
CA LYS B 145 4.70 -3.60 -17.29
C LYS B 145 3.44 -2.79 -17.57
N GLU B 146 3.61 -1.61 -18.18
CA GLU B 146 2.49 -0.74 -18.50
C GLU B 146 1.59 -1.38 -19.55
N THR B 147 2.19 -1.88 -20.63
CA THR B 147 1.43 -2.51 -21.70
C THR B 147 2.13 -3.76 -22.25
N PRO B 157 1.91 -11.14 -12.07
CA PRO B 157 2.98 -12.05 -11.64
C PRO B 157 2.43 -13.25 -10.88
N SER B 158 3.25 -14.29 -10.72
CA SER B 158 2.83 -15.47 -9.98
C SER B 158 2.84 -15.18 -8.48
N VAL B 159 3.90 -14.52 -8.03
CA VAL B 159 4.06 -14.17 -6.62
C VAL B 159 4.08 -12.67 -6.41
N LEU B 160 3.95 -12.26 -5.14
CA LEU B 160 3.94 -10.86 -4.74
C LEU B 160 5.23 -10.15 -5.16
N GLN B 161 5.09 -8.87 -5.52
CA GLN B 161 6.23 -8.06 -5.94
C GLN B 161 6.51 -6.95 -4.94
N VAL B 162 7.78 -6.66 -4.72
CA VAL B 162 8.18 -5.59 -3.81
C VAL B 162 9.19 -4.71 -4.51
N VAL B 163 9.15 -3.42 -4.21
CA VAL B 163 10.07 -2.47 -4.82
C VAL B 163 10.27 -1.28 -3.89
N ASN B 164 11.53 -0.98 -3.60
CA ASN B 164 11.88 0.13 -2.73
C ASN B 164 12.00 1.39 -3.58
N LEU B 165 11.32 2.45 -3.18
CA LEU B 165 11.34 3.70 -3.93
C LEU B 165 11.55 4.90 -3.03
N PRO B 166 12.42 5.82 -3.44
CA PRO B 166 12.71 7.03 -2.66
C PRO B 166 11.60 8.06 -2.85
N ILE B 167 11.28 8.78 -1.79
CA ILE B 167 10.24 9.82 -1.84
C ILE B 167 10.80 11.04 -2.56
N VAL B 168 9.97 11.66 -3.40
CA VAL B 168 10.38 12.85 -4.15
C VAL B 168 9.78 14.10 -3.51
N GLU B 169 10.52 15.21 -3.57
CA GLU B 169 10.07 16.46 -2.97
C GLU B 169 8.92 17.13 -3.72
N ARG B 170 8.06 17.79 -2.95
CA ARG B 170 6.88 18.51 -3.44
C ARG B 170 7.03 19.20 -4.80
N PRO B 171 7.98 20.15 -4.93
CA PRO B 171 8.17 20.84 -6.22
C PRO B 171 8.40 19.94 -7.42
N VAL B 172 9.21 18.90 -7.25
CA VAL B 172 9.49 17.99 -8.35
C VAL B 172 8.19 17.27 -8.74
N CYS B 173 7.43 16.87 -7.73
CA CYS B 173 6.15 16.18 -7.94
C CYS B 173 5.18 17.05 -8.74
N LYS B 174 5.03 18.31 -8.34
CA LYS B 174 4.13 19.22 -9.01
C LYS B 174 4.55 19.52 -10.45
N ASP B 175 5.85 19.69 -10.67
CA ASP B 175 6.35 19.97 -12.01
C ASP B 175 6.23 18.79 -12.97
N SER B 176 6.16 17.58 -12.43
CA SER B 176 6.07 16.38 -13.25
C SER B 176 4.66 16.05 -13.76
N THR B 177 3.67 16.85 -13.37
CA THR B 177 2.31 16.57 -13.80
C THR B 177 1.50 17.84 -14.04
N ARG B 178 0.26 17.66 -14.50
CA ARG B 178 -0.63 18.78 -14.78
C ARG B 178 -1.87 18.68 -13.88
N ILE B 179 -1.90 17.67 -13.03
CA ILE B 179 -3.01 17.46 -12.11
C ILE B 179 -2.71 18.26 -10.84
N ARG B 180 -3.72 18.94 -10.31
CA ARG B 180 -3.56 19.74 -9.10
C ARG B 180 -3.16 18.87 -7.91
N ILE B 181 -1.89 18.91 -7.54
CA ILE B 181 -1.39 18.12 -6.43
C ILE B 181 -1.75 18.77 -5.09
N THR B 182 -2.48 18.04 -4.25
CA THR B 182 -2.86 18.55 -2.94
C THR B 182 -1.86 18.11 -1.88
N ASP B 183 -1.97 18.66 -0.69
CA ASP B 183 -1.06 18.30 0.39
C ASP B 183 -1.39 16.95 1.03
N ASN B 184 -2.51 16.35 0.61
CA ASN B 184 -2.94 15.05 1.13
C ASN B 184 -2.34 13.88 0.34
N MET B 185 -1.22 14.13 -0.32
CA MET B 185 -0.56 13.10 -1.11
C MET B 185 0.93 13.40 -1.22
N PHE B 186 1.66 12.50 -1.88
CA PHE B 186 3.10 12.68 -2.09
C PHE B 186 3.53 11.74 -3.21
N CYS B 187 4.57 12.13 -3.94
CA CYS B 187 5.04 11.29 -5.02
C CYS B 187 6.35 10.59 -4.65
N ALA B 188 6.65 9.49 -5.31
CA ALA B 188 7.86 8.74 -5.04
C ALA B 188 8.33 8.06 -6.32
N GLY B 189 9.64 7.87 -6.42
CA GLY B 189 10.22 7.22 -7.59
C GLY B 189 11.57 7.81 -7.92
N TYR B 190 12.33 7.10 -8.73
CA TYR B 190 13.65 7.54 -9.14
C TYR B 190 13.52 8.57 -10.26
N LYS B 191 14.42 9.56 -10.26
CA LYS B 191 14.42 10.60 -11.28
C LYS B 191 15.03 10.05 -12.56
N PRO B 192 14.73 10.66 -13.71
CA PRO B 192 15.28 10.20 -15.00
C PRO B 192 16.78 10.01 -15.05
N ASP B 193 17.51 10.64 -14.12
CA ASP B 193 18.96 10.52 -14.08
C ASP B 193 19.42 9.94 -12.74
N GLU B 194 18.54 9.17 -12.11
CA GLU B 194 18.82 8.56 -10.81
C GLU B 194 19.50 7.20 -10.95
N GLY B 195 19.37 6.59 -12.13
CA GLY B 195 19.99 5.29 -12.36
C GLY B 195 19.01 4.13 -12.31
N LYS B 196 18.46 3.87 -11.12
CA LYS B 196 17.50 2.77 -10.96
C LYS B 196 16.12 3.16 -11.44
N ARG B 197 15.27 2.15 -11.67
CA ARG B 197 13.91 2.35 -12.12
C ARG B 197 12.98 1.61 -11.17
N GLY B 198 11.67 1.83 -11.33
CA GLY B 198 10.71 1.16 -10.47
C GLY B 198 9.47 1.99 -10.30
N ASP B 199 8.32 1.35 -10.11
CA ASP B 199 7.06 2.05 -9.93
C ASP B 199 5.89 1.08 -9.83
N ALA B 200 4.85 1.51 -9.12
CA ALA B 200 3.64 0.70 -9.00
C ALA B 200 2.95 0.82 -10.36
N CYS B 201 1.94 0.00 -10.60
CA CYS B 201 1.24 0.05 -11.89
C CYS B 201 -0.19 -0.43 -11.68
N GLU B 202 -0.93 -0.61 -12.77
CA GLU B 202 -2.31 -1.06 -12.70
C GLU B 202 -2.42 -2.32 -11.84
N GLY B 203 -3.48 -2.42 -11.06
CA GLY B 203 -3.66 -3.59 -10.21
C GLY B 203 -3.04 -3.38 -8.84
N ASP B 204 -2.04 -2.51 -8.76
CA ASP B 204 -1.36 -2.22 -7.50
C ASP B 204 -2.13 -1.22 -6.65
N SER B 205 -3.21 -0.66 -7.21
CA SER B 205 -4.04 0.32 -6.50
C SER B 205 -4.41 -0.18 -5.11
N GLY B 206 -4.28 0.69 -4.11
CA GLY B 206 -4.60 0.31 -2.75
C GLY B 206 -3.42 -0.27 -1.99
N GLY B 207 -2.43 -0.77 -2.73
CA GLY B 207 -1.25 -1.35 -2.10
C GLY B 207 -0.59 -0.41 -1.10
N PRO B 208 0.07 -0.94 -0.06
CA PRO B 208 0.72 -0.13 0.95
C PRO B 208 2.11 0.39 0.57
N PHE B 209 2.46 1.54 1.14
CA PHE B 209 3.78 2.15 0.95
C PHE B 209 4.29 2.21 2.39
N VAL B 210 5.19 1.30 2.74
CA VAL B 210 5.74 1.21 4.09
C VAL B 210 7.18 1.67 4.26
N MET B 211 7.56 1.94 5.50
CA MET B 211 8.90 2.39 5.86
C MET B 211 9.24 1.80 7.22
N LYS B 212 10.47 1.35 7.40
CA LYS B 212 10.88 0.77 8.67
C LYS B 212 11.51 1.82 9.59
N SER B 213 10.82 2.12 10.69
CA SER B 213 11.30 3.10 11.66
C SER B 213 12.56 2.60 12.37
N PRO B 214 13.69 3.33 12.21
CA PRO B 214 14.97 2.97 12.83
C PRO B 214 15.00 3.32 14.32
N PHE B 215 13.85 3.70 14.87
CA PHE B 215 13.74 4.07 16.28
C PHE B 215 13.17 2.93 17.12
N ASN B 216 12.13 2.28 16.61
CA ASN B 216 11.48 1.20 17.33
C ASN B 216 11.37 -0.11 16.54
N ASN B 217 12.10 -0.21 15.43
CA ASN B 217 12.11 -1.40 14.58
C ASN B 217 10.73 -1.88 14.12
N ARG B 218 9.85 -0.95 13.79
CA ARG B 218 8.52 -1.31 13.32
C ARG B 218 8.23 -0.74 11.94
N TRP B 219 7.35 -1.41 11.21
CA TRP B 219 6.96 -0.99 9.86
C TRP B 219 5.71 -0.13 9.93
N TYR B 220 5.77 1.04 9.30
CA TYR B 220 4.65 1.96 9.29
C TYR B 220 4.17 2.20 7.87
N GLN B 221 2.86 2.15 7.67
CA GLN B 221 2.31 2.41 6.34
C GLN B 221 2.19 3.92 6.22
N MET B 222 3.08 4.52 5.44
CA MET B 222 3.10 5.96 5.24
C MET B 222 2.13 6.40 4.15
N GLY B 223 1.91 5.53 3.17
CA GLY B 223 1.02 5.88 2.07
C GLY B 223 0.23 4.75 1.45
N ILE B 224 -0.59 5.10 0.47
CA ILE B 224 -1.44 4.15 -0.25
C ILE B 224 -1.30 4.44 -1.74
N VAL B 225 -1.21 3.39 -2.56
CA VAL B 225 -1.08 3.57 -4.00
C VAL B 225 -2.38 4.16 -4.54
N SER B 226 -2.29 5.33 -5.16
CA SER B 226 -3.47 5.99 -5.70
C SER B 226 -3.43 6.11 -7.21
N TRP B 227 -2.57 6.98 -7.74
CA TRP B 227 -2.50 7.16 -9.18
C TRP B 227 -1.12 7.49 -9.70
N GLY B 228 -0.99 7.45 -11.02
CA GLY B 228 0.28 7.74 -11.67
C GLY B 228 0.09 7.74 -13.17
N GLU B 229 0.79 8.64 -13.86
CA GLU B 229 0.69 8.73 -15.31
C GLU B 229 1.60 7.67 -15.91
N GLY B 230 0.99 6.64 -16.49
CA GLY B 230 1.77 5.57 -17.08
C GLY B 230 2.39 4.72 -15.99
N CYS B 231 3.41 3.95 -16.32
CA CYS B 231 4.08 3.10 -15.34
C CYS B 231 5.58 3.10 -15.59
N ASP B 232 6.32 3.67 -14.64
CA ASP B 232 7.78 3.74 -14.70
C ASP B 232 8.28 4.59 -15.88
N ARG B 233 7.57 5.68 -16.16
CA ARG B 233 7.98 6.57 -17.23
C ARG B 233 8.93 7.63 -16.70
N ASP B 234 9.99 7.91 -17.46
CA ASP B 234 10.98 8.91 -17.07
C ASP B 234 10.24 10.24 -16.93
N GLY B 235 10.54 10.97 -15.86
CA GLY B 235 9.87 12.24 -15.63
C GLY B 235 8.60 12.10 -14.81
N LYS B 236 8.01 10.90 -14.79
CA LYS B 236 6.80 10.66 -14.02
C LYS B 236 7.10 9.94 -12.71
N TYR B 237 6.27 10.20 -11.71
CA TYR B 237 6.41 9.60 -10.39
C TYR B 237 5.04 9.17 -9.88
N GLY B 238 5.01 8.11 -9.07
CA GLY B 238 3.75 7.61 -8.55
C GLY B 238 3.27 8.41 -7.34
N PHE B 239 1.98 8.71 -7.30
CA PHE B 239 1.42 9.46 -6.19
C PHE B 239 0.67 8.57 -5.20
N TYR B 240 1.04 8.70 -3.93
CA TYR B 240 0.45 7.93 -2.86
C TYR B 240 -0.30 8.80 -1.87
N THR B 241 -1.37 8.26 -1.29
CA THR B 241 -2.17 8.97 -0.31
C THR B 241 -1.32 9.15 0.95
N HIS B 242 -1.26 10.39 1.44
CA HIS B 242 -0.49 10.71 2.64
C HIS B 242 -1.27 10.26 3.88
N VAL B 243 -1.15 8.97 4.21
CA VAL B 243 -1.85 8.37 5.34
C VAL B 243 -1.91 9.20 6.64
N PHE B 244 -0.75 9.57 7.18
CA PHE B 244 -0.70 10.33 8.43
C PHE B 244 -1.67 11.51 8.49
N ARG B 245 -1.73 12.29 7.43
CA ARG B 245 -2.61 13.46 7.40
C ARG B 245 -4.08 13.09 7.57
N LEU B 246 -4.46 11.92 7.07
CA LEU B 246 -5.83 11.45 7.17
C LEU B 246 -6.08 10.55 8.39
N LYS B 247 -5.06 10.41 9.24
CA LYS B 247 -5.18 9.56 10.42
C LYS B 247 -6.35 9.96 11.32
N LYS B 248 -6.61 11.26 11.43
CA LYS B 248 -7.71 11.75 12.26
C LYS B 248 -9.03 11.07 11.86
N TRP B 249 -9.25 10.98 10.55
CA TRP B 249 -10.47 10.36 10.03
C TRP B 249 -10.50 8.89 10.43
N ILE B 250 -9.40 8.19 10.16
CA ILE B 250 -9.28 6.77 10.48
C ILE B 250 -9.56 6.56 11.96
N GLN B 251 -9.00 7.43 12.80
CA GLN B 251 -9.16 7.35 14.25
C GLN B 251 -10.64 7.51 14.63
N LYS B 252 -11.30 8.48 14.01
CA LYS B 252 -12.70 8.75 14.28
C LYS B 252 -13.61 7.59 13.90
N VAL B 253 -13.35 6.98 12.75
CA VAL B 253 -14.15 5.86 12.28
C VAL B 253 -13.74 4.51 12.89
N ILE B 254 -12.81 4.56 13.84
CA ILE B 254 -12.34 3.35 14.52
C ILE B 254 -12.22 3.65 16.02
C1 I11 C . -5.97 12.27 -11.70
C2 I11 C . -4.93 11.57 -12.61
C3 I11 C . -5.64 10.55 -13.51
C4 I11 C . -6.34 9.47 -12.65
C5 I11 C . -7.40 10.18 -11.80
C6 I11 C . -6.75 11.24 -10.87
S19 I11 C . -4.46 9.80 -14.68
O43 I11 C . -3.54 10.81 -15.14
O44 I11 C . -5.26 9.39 -15.79
N20 I11 C . -3.53 8.57 -14.11
C21 I11 C . -3.88 7.34 -14.50
C22 I11 C . -4.02 6.32 -13.45
O42 I11 C . -3.70 6.67 -12.31
N23 I11 C . -4.49 5.09 -13.74
C24 I11 C . -4.49 4.10 -12.67
C25 I11 C . -3.40 3.05 -12.96
C26 I11 C . -2.77 2.48 -11.67
N27 I11 C . -2.11 3.48 -10.83
C28 I11 C . -0.81 3.71 -10.90
C29 I11 C . -0.15 3.92 -12.12
C30 I11 C . 1.25 4.08 -12.13
N31 I11 C . 1.96 4.02 -11.02
C32 I11 C . 1.38 4.11 -9.84
C33 I11 C . 0.00 3.88 -9.69
C34 I11 C . -5.86 3.47 -12.46
O41 I11 C . -6.13 2.37 -12.94
N35 I11 C . -6.84 4.24 -11.91
C36 I11 C . -6.55 4.99 -10.69
C37 I11 C . -7.20 6.38 -10.82
C38 I11 C . -8.70 6.38 -11.23
C39 I11 C . -9.18 4.98 -11.68
C40 I11 C . -8.12 4.34 -12.60
H20 I11 C . -3.56 8.60 -13.11
H23 I11 C . -5.11 4.94 -14.50
H27 I11 C . -2.63 3.86 -10.06
H31 I11 C . 2.82 3.52 -11.09
#